data_5EST
#
_entry.id   5EST
#
_cell.length_a   52.280
_cell.length_b   57.560
_cell.length_c   75.410
_cell.angle_alpha   90.00
_cell.angle_beta   90.00
_cell.angle_gamma   90.00
#
_symmetry.space_group_name_H-M   'P 21 21 21'
#
loop_
_entity.id
_entity.type
_entity.pdbx_description
1 polymer ELASTASE
2 non-polymer N~2~-[(benzyloxy)carbonyl]-N-[(1R,2S)-1-(dihydroxyboranyl)-2-methylbutyl]-L-alaninamide
3 non-polymer 'SULFATE ION'
4 non-polymer 'CALCIUM ION'
5 water water
#
_entity_poly.entity_id   1
_entity_poly.type   'polypeptide(L)'
_entity_poly.pdbx_seq_one_letter_code
;VVGGTEAQRNSWPSQISLQYRSGSSWAHTCGGTLIRQNWVMTAAHCVDRELTFRVVVGEHNLNQNNGTEQYVGVQKIVVH
PYWNTDDVAAGYDIALLRLAQSVTLNSYVQLGVLPRAGTILANNSPCYITGWGLTRTNGQLAQTLQQAYLPTVDYAICSS
SSYWGSTVKNSMVCAGGDGVRSGCQGDSGGPLHCLVNGQYAVHGVTSFVSRLGCNVTRKPTVFTRVSAYISWINNVIASN
;
_entity_poly.pdbx_strand_id   E
#
# COMPACT_ATOMS: atom_id res chain seq x y z
N VAL A 1 -4.50 -9.25 3.51
CA VAL A 1 -3.59 -9.59 4.64
C VAL A 1 -3.87 -11.02 5.10
N VAL A 2 -2.84 -11.87 4.93
CA VAL A 2 -2.79 -13.17 5.57
C VAL A 2 -2.32 -13.00 7.02
N GLY A 3 -2.94 -13.73 7.95
CA GLY A 3 -2.43 -13.77 9.29
C GLY A 3 -2.73 -12.43 9.97
N GLY A 4 -3.72 -11.68 9.56
CA GLY A 4 -3.86 -10.45 10.29
C GLY A 4 -4.94 -10.48 11.38
N THR A 5 -5.22 -9.31 11.97
CA THR A 5 -6.22 -9.16 13.01
C THR A 5 -6.99 -7.93 12.61
N GLU A 6 -8.29 -7.85 12.95
CA GLU A 6 -9.05 -6.76 12.52
C GLU A 6 -8.47 -5.51 13.15
N ALA A 7 -8.36 -4.44 12.35
CA ALA A 7 -7.89 -3.17 12.90
C ALA A 7 -8.97 -2.49 13.75
N GLN A 8 -8.57 -1.64 14.70
CA GLN A 8 -9.50 -0.72 15.30
C GLN A 8 -9.84 0.38 14.30
N ARG A 9 -11.13 0.76 14.21
CA ARG A 9 -11.74 1.73 13.29
C ARG A 9 -10.94 3.03 13.10
N ASN A 10 -10.38 3.49 14.20
CA ASN A 10 -9.77 4.81 14.25
C ASN A 10 -8.27 4.76 13.95
N SER A 11 -7.78 3.55 13.62
CA SER A 11 -6.36 3.22 13.79
C SER A 11 -5.50 3.78 12.68
N TRP A 12 -5.92 3.62 11.42
CA TRP A 12 -5.03 3.99 10.31
C TRP A 12 -5.80 4.86 9.36
N PRO A 13 -5.98 6.14 9.74
CA PRO A 13 -6.86 7.09 9.10
C PRO A 13 -6.35 7.66 7.76
N SER A 14 -5.13 7.25 7.38
CA SER A 14 -4.68 7.62 6.04
C SER A 14 -4.91 6.49 5.01
N GLN A 15 -5.39 5.29 5.46
CA GLN A 15 -5.68 4.17 4.60
C GLN A 15 -6.85 4.52 3.66
N ILE A 16 -6.71 4.29 2.35
CA ILE A 16 -7.86 4.41 1.46
C ILE A 16 -8.17 3.05 0.79
N SER A 17 -9.35 2.99 0.15
CA SER A 17 -9.77 1.91 -0.70
C SER A 17 -9.90 2.47 -2.09
N LEU A 18 -9.11 1.86 -2.96
CA LEU A 18 -9.18 2.11 -4.39
C LEU A 18 -10.06 1.05 -5.10
N GLN A 19 -11.14 1.52 -5.70
CA GLN A 19 -12.15 0.72 -6.34
C GLN A 19 -12.40 1.11 -7.80
N TYR A 20 -12.99 0.20 -8.56
CA TYR A 20 -13.38 0.41 -9.94
C TYR A 20 -14.82 0.02 -10.22
N ARG A 21 -15.43 0.78 -11.11
CA ARG A 21 -16.85 0.66 -11.40
C ARG A 21 -17.12 -0.64 -12.14
N SER A 22 -17.66 -1.57 -11.36
CA SER A 22 -17.85 -2.88 -11.89
C SER A 22 -19.36 -3.21 -12.03
N GLY A 23 -19.81 -3.08 -13.29
CA GLY A 23 -21.18 -3.29 -13.63
C GLY A 23 -21.96 -2.09 -13.16
N SER A 24 -22.81 -2.30 -12.13
CA SER A 24 -23.57 -1.30 -11.40
C SER A 24 -22.94 -1.02 -10.03
N SER A 25 -22.02 -1.89 -9.64
CA SER A 25 -21.30 -1.83 -8.37
C SER A 25 -19.89 -1.27 -8.59
N TRP A 26 -19.15 -1.26 -7.47
CA TRP A 26 -17.82 -0.70 -7.26
C TRP A 26 -17.09 -1.78 -6.50
N ALA A 27 -16.04 -2.27 -7.10
CA ALA A 27 -15.29 -3.36 -6.56
C ALA A 27 -13.92 -2.88 -6.02
N HIS A 28 -13.58 -3.23 -4.79
CA HIS A 28 -12.29 -2.88 -4.17
C HIS A 28 -11.17 -3.58 -4.93
N THR A 29 -10.08 -2.89 -5.31
CA THR A 29 -9.01 -3.55 -6.01
C THR A 29 -7.68 -3.33 -5.29
N CYS A 30 -7.54 -2.18 -4.61
CA CYS A 30 -6.22 -1.89 -4.00
C CYS A 30 -6.40 -1.13 -2.69
N GLY A 31 -5.27 -1.08 -1.98
CA GLY A 31 -5.06 0.04 -1.05
C GLY A 31 -4.47 1.36 -1.66
N GLY A 32 -4.28 2.39 -0.82
CA GLY A 32 -3.53 3.64 -1.13
C GLY A 32 -3.18 4.31 0.24
N THR A 33 -2.57 5.48 0.21
CA THR A 33 -2.42 6.39 1.36
C THR A 33 -2.75 7.78 0.93
N LEU A 34 -3.52 8.46 1.76
CA LEU A 34 -3.93 9.83 1.52
C LEU A 34 -2.79 10.78 1.95
N ILE A 35 -2.17 11.45 0.95
CA ILE A 35 -0.91 12.15 1.23
C ILE A 35 -1.10 13.66 1.14
N ARG A 36 -2.18 14.05 0.45
CA ARG A 36 -2.70 15.40 0.53
C ARG A 36 -4.20 15.29 0.58
N GLN A 37 -4.94 16.41 0.81
CA GLN A 37 -6.39 16.38 0.74
C GLN A 37 -6.91 15.93 -0.59
N ASN A 38 -6.09 16.06 -1.62
CA ASN A 38 -6.52 15.83 -2.99
C ASN A 38 -5.55 15.00 -3.82
N TRP A 39 -4.72 14.27 -3.05
CA TRP A 39 -3.73 13.33 -3.62
C TRP A 39 -3.69 12.06 -2.80
N VAL A 40 -3.57 10.91 -3.51
CA VAL A 40 -3.37 9.55 -2.94
C VAL A 40 -2.17 8.91 -3.61
N MET A 41 -1.33 8.21 -2.81
CA MET A 41 -0.19 7.37 -3.21
C MET A 41 -0.60 5.89 -3.35
N THR A 42 -0.31 5.24 -4.47
CA THR A 42 -0.63 3.82 -4.57
C THR A 42 0.42 3.14 -5.49
N ALA A 43 0.24 1.86 -5.86
CA ALA A 43 1.19 1.16 -6.79
C ALA A 43 0.69 1.39 -8.23
N ALA A 44 1.64 1.46 -9.11
CA ALA A 44 1.26 1.74 -10.49
C ALA A 44 0.44 0.52 -10.98
N HIS A 45 0.82 -0.71 -10.59
CA HIS A 45 0.21 -1.90 -11.13
C HIS A 45 -1.31 -1.91 -10.83
N CYS A 46 -1.75 -1.15 -9.84
CA CYS A 46 -3.17 -1.09 -9.43
C CYS A 46 -3.91 -0.47 -10.61
N VAL A 47 -3.16 0.29 -11.42
CA VAL A 47 -3.73 1.23 -12.42
C VAL A 47 -3.21 0.96 -13.83
N ASP A 48 -2.63 -0.23 -14.01
CA ASP A 48 -2.39 -0.80 -15.31
C ASP A 48 -3.69 -0.83 -16.16
N ARG A 49 -4.83 -1.20 -15.60
CA ARG A 49 -5.99 -1.32 -16.47
C ARG A 49 -6.71 0.00 -16.50
N GLU A 50 -7.19 0.37 -17.69
CA GLU A 50 -7.94 1.62 -17.85
C GLU A 50 -9.44 1.48 -17.53
N LEU A 51 -9.72 1.64 -16.24
CA LEU A 51 -11.04 1.48 -15.62
C LEU A 51 -11.53 2.83 -15.14
N THR A 52 -12.74 2.80 -14.58
CA THR A 52 -13.17 3.99 -13.84
C THR A 52 -12.84 3.78 -12.35
N PHE A 53 -12.12 4.68 -11.69
CA PHE A 53 -11.68 4.45 -10.31
C PHE A 53 -12.33 5.48 -9.40
N ARG A 54 -12.55 5.04 -8.17
CA ARG A 54 -12.84 5.99 -7.11
C ARG A 54 -12.08 5.60 -5.87
N VAL A 55 -11.91 6.63 -5.05
CA VAL A 55 -11.23 6.45 -3.79
C VAL A 55 -12.32 6.54 -2.71
N VAL A 56 -12.19 5.65 -1.72
CA VAL A 56 -12.98 5.80 -0.47
C VAL A 56 -12.06 6.12 0.72
N VAL A 57 -12.30 7.25 1.39
CA VAL A 57 -11.60 7.51 2.68
C VAL A 57 -12.62 7.37 3.85
N GLY A 58 -12.09 7.18 5.09
CA GLY A 58 -12.82 6.91 6.33
C GLY A 58 -13.56 5.58 6.26
N GLU A 59 -12.93 4.64 5.59
CA GLU A 59 -13.47 3.34 5.32
C GLU A 59 -12.99 2.36 6.39
N HIS A 60 -13.95 1.53 6.83
CA HIS A 60 -13.64 0.39 7.66
C HIS A 60 -14.28 -0.96 7.18
N ASN A 61 -15.64 -1.02 7.05
CA ASN A 61 -16.27 -2.24 6.52
C ASN A 61 -16.58 -2.02 5.04
N LEU A 62 -16.03 -2.85 4.16
CA LEU A 62 -16.35 -2.71 2.73
C LEU A 62 -17.84 -2.78 2.38
N ASN A 63 -18.58 -3.55 3.19
CA ASN A 63 -19.89 -4.04 2.79
C ASN A 63 -21.00 -3.39 3.60
N GLN A 64 -20.65 -2.56 4.57
CA GLN A 64 -21.71 -1.93 5.35
C GLN A 64 -21.53 -0.44 5.39
N ASN A 65 -22.51 0.35 5.83
CA ASN A 65 -22.23 1.75 5.97
C ASN A 65 -21.65 1.99 7.38
N ASN A 66 -20.56 2.76 7.49
CA ASN A 66 -19.90 2.94 8.79
C ASN A 66 -20.29 4.31 9.32
N GLY A 67 -20.92 5.13 8.47
CA GLY A 67 -21.22 6.49 8.85
C GLY A 67 -20.01 7.42 8.65
N THR A 68 -18.90 6.96 8.06
CA THR A 68 -17.67 7.76 8.05
C THR A 68 -17.04 8.01 6.67
N GLU A 69 -17.59 7.33 5.65
CA GLU A 69 -16.98 7.26 4.31
C GLU A 69 -17.13 8.58 3.58
N GLN A 70 -16.12 8.94 2.78
CA GLN A 70 -16.26 9.92 1.72
C GLN A 70 -15.76 9.26 0.44
N TYR A 71 -16.48 9.46 -0.67
CA TYR A 71 -16.28 8.76 -1.96
C TYR A 71 -15.90 9.77 -3.05
N VAL A 72 -14.64 9.74 -3.51
CA VAL A 72 -14.18 10.77 -4.45
C VAL A 72 -13.76 10.11 -5.77
N GLY A 73 -14.05 10.76 -6.90
CA GLY A 73 -13.58 10.29 -8.17
C GLY A 73 -12.07 10.56 -8.34
N VAL A 74 -11.41 9.73 -9.16
CA VAL A 74 -10.02 9.94 -9.52
C VAL A 74 -9.92 10.72 -10.83
N GLN A 75 -9.53 12.00 -10.73
CA GLN A 75 -9.44 12.94 -11.83
C GLN A 75 -8.16 12.77 -12.69
N LYS A 76 -7.07 12.29 -12.11
CA LYS A 76 -5.79 12.27 -12.81
C LYS A 76 -4.82 11.24 -12.22
N ILE A 77 -4.22 10.41 -13.09
CA ILE A 77 -3.30 9.36 -12.63
C ILE A 77 -1.89 9.65 -13.19
N VAL A 78 -0.84 9.75 -12.34
CA VAL A 78 0.54 9.97 -12.69
C VAL A 78 1.39 8.80 -12.28
N VAL A 79 1.71 7.94 -13.24
CA VAL A 79 2.46 6.77 -12.84
C VAL A 79 3.92 7.14 -13.03
N HIS A 80 4.79 6.54 -12.23
CA HIS A 80 6.19 6.75 -12.44
C HIS A 80 6.58 6.47 -13.91
N PRO A 81 7.22 7.46 -14.55
CA PRO A 81 7.69 7.39 -15.93
C PRO A 81 8.46 6.12 -16.28
N TYR A 82 9.13 5.50 -15.32
CA TYR A 82 9.89 4.34 -15.67
C TYR A 82 9.19 3.02 -15.38
N TRP A 83 7.95 3.05 -14.83
CA TRP A 83 7.26 1.83 -14.35
C TRP A 83 7.11 0.92 -15.55
N ASN A 84 7.35 -0.39 -15.38
CA ASN A 84 7.13 -1.29 -16.54
C ASN A 84 6.41 -2.49 -16.00
N THR A 85 5.22 -2.62 -16.56
CA THR A 85 4.24 -3.64 -16.21
C THR A 85 4.77 -5.05 -16.33
N ASP A 86 5.50 -5.35 -17.42
CA ASP A 86 6.10 -6.63 -17.56
C ASP A 86 7.29 -6.88 -16.66
N ASP A 87 7.67 -5.88 -15.80
CA ASP A 87 8.84 -6.00 -14.98
C ASP A 87 8.64 -5.32 -13.63
N VAL A 88 7.72 -5.83 -12.79
CA VAL A 88 7.61 -5.44 -11.41
C VAL A 88 8.94 -5.46 -10.63
N ALA A 89 9.84 -6.41 -10.93
CA ALA A 89 11.06 -6.58 -10.12
C ALA A 89 12.12 -5.54 -10.53
N ALA A 90 11.80 -4.73 -11.55
CA ALA A 90 12.66 -3.56 -11.85
C ALA A 90 12.41 -2.42 -10.88
N GLY A 91 11.27 -2.49 -10.19
CA GLY A 91 10.88 -1.46 -9.25
C GLY A 91 9.92 -0.45 -9.93
N TYR A 92 9.88 0.73 -9.35
CA TYR A 92 9.09 1.86 -9.86
C TYR A 92 7.60 1.60 -9.76
N ASP A 93 7.27 0.71 -8.82
CA ASP A 93 5.82 0.48 -8.56
C ASP A 93 5.18 1.54 -7.67
N ILE A 94 4.86 2.68 -8.28
CA ILE A 94 4.27 3.74 -7.53
C ILE A 94 3.56 4.66 -8.52
N ALA A 95 2.39 5.14 -8.10
CA ALA A 95 1.54 6.11 -8.74
C ALA A 95 0.84 7.05 -7.77
N LEU A 96 0.51 8.23 -8.29
CA LEU A 96 -0.19 9.26 -7.57
C LEU A 96 -1.51 9.51 -8.32
N LEU A 97 -2.56 9.70 -7.52
CA LEU A 97 -3.92 9.99 -7.99
C LEU A 97 -4.31 11.34 -7.45
N ARG A 98 -4.68 12.21 -8.38
CA ARG A 98 -5.25 13.46 -7.95
C ARG A 98 -6.79 13.28 -7.96
N LEU A 99 -7.38 13.59 -6.81
CA LEU A 99 -8.79 13.40 -6.53
C LEU A 99 -9.60 14.54 -7.13
N ALA A 100 -10.85 14.23 -7.49
CA ALA A 100 -11.73 15.16 -8.16
C ALA A 100 -12.12 16.29 -7.22
N GLN A 101 -12.07 16.01 -5.91
CA GLN A 101 -12.41 16.97 -4.84
C GLN A 101 -11.37 16.81 -3.77
N SER A 102 -11.17 17.86 -2.94
CA SER A 102 -10.41 17.65 -1.70
C SER A 102 -11.32 16.97 -0.68
N VAL A 103 -10.86 15.89 -0.03
CA VAL A 103 -11.57 15.30 1.09
C VAL A 103 -11.39 16.16 2.34
N THR A 104 -12.33 16.02 3.27
CA THR A 104 -12.42 16.66 4.57
C THR A 104 -11.71 15.82 5.62
N LEU A 105 -10.81 16.47 6.36
CA LEU A 105 -10.04 15.70 7.33
C LEU A 105 -10.83 15.70 8.63
N ASN A 106 -10.76 14.55 9.31
CA ASN A 106 -11.33 14.36 10.62
C ASN A 106 -10.64 13.22 11.35
N SER A 107 -11.31 12.69 12.35
CA SER A 107 -10.75 11.67 13.24
C SER A 107 -10.45 10.41 12.44
N TYR A 108 -11.13 10.30 11.30
CA TYR A 108 -11.18 9.07 10.51
C TYR A 108 -10.37 9.24 9.21
N VAL A 109 -10.15 10.51 8.88
CA VAL A 109 -9.52 10.90 7.66
C VAL A 109 -8.35 11.85 7.96
N GLN A 110 -7.12 11.31 7.90
CA GLN A 110 -5.91 12.13 8.14
C GLN A 110 -4.91 11.87 7.02
N LEU A 111 -3.90 12.76 6.87
CA LEU A 111 -2.78 12.53 5.93
C LEU A 111 -1.79 11.50 6.44
N GLY A 112 -1.24 10.72 5.52
CA GLY A 112 -0.21 9.83 6.06
C GLY A 112 1.14 10.55 6.02
N VAL A 113 2.01 10.26 6.97
CA VAL A 113 3.32 10.91 7.16
C VAL A 113 4.31 10.13 6.29
N LEU A 114 5.05 10.83 5.41
CA LEU A 114 6.10 10.23 4.63
C LEU A 114 7.41 10.44 5.39
N PRO A 115 8.31 9.46 5.26
CA PRO A 115 9.70 9.46 5.76
C PRO A 115 10.56 10.48 4.97
N ARG A 116 11.68 10.88 5.59
CA ARG A 116 12.63 11.79 4.94
C ARG A 116 13.27 10.97 3.84
N ALA A 117 13.57 11.67 2.75
CA ALA A 117 14.27 11.07 1.59
C ALA A 117 15.52 10.30 2.02
N GLY A 118 15.72 9.11 1.50
CA GLY A 118 16.94 8.38 1.76
C GLY A 118 16.91 7.48 2.96
N THR A 119 15.88 7.66 3.84
CA THR A 119 15.78 6.81 5.07
C THR A 119 15.72 5.32 4.77
N ILE A 120 16.52 4.56 5.49
CA ILE A 120 16.58 3.12 5.41
C ILE A 120 16.41 2.56 6.81
N LEU A 121 15.54 1.54 6.94
CA LEU A 121 15.20 1.00 8.25
C LEU A 121 16.14 -0.14 8.57
N ALA A 122 16.50 -0.24 9.86
CA ALA A 122 17.35 -1.33 10.29
C ALA A 122 16.51 -2.60 10.17
N ASN A 123 17.22 -3.71 10.06
CA ASN A 123 16.58 -4.97 9.94
C ASN A 123 15.65 -5.14 11.15
N ASN A 124 14.55 -5.86 11.00
CA ASN A 124 13.66 -6.18 12.06
C ASN A 124 13.11 -4.93 12.72
N SER A 125 12.89 -3.87 11.93
CA SER A 125 12.08 -2.75 12.39
C SER A 125 10.58 -3.06 12.46
N PRO A 126 9.93 -2.51 13.51
CA PRO A 126 8.55 -2.83 13.88
C PRO A 126 7.63 -2.11 12.92
N CYS A 127 7.09 -2.87 11.96
CA CYS A 127 6.13 -2.29 11.02
C CYS A 127 4.81 -3.10 11.01
N TYR A 128 3.74 -2.45 10.53
CA TYR A 128 2.45 -3.01 10.25
C TYR A 128 2.08 -2.85 8.75
N ILE A 129 1.44 -3.88 8.19
CA ILE A 129 0.72 -3.79 6.88
C ILE A 129 -0.78 -3.69 7.15
N THR A 130 -1.46 -2.78 6.45
CA THR A 130 -2.93 -2.83 6.56
C THR A 130 -3.57 -3.10 5.18
N GLY A 131 -4.82 -3.50 5.13
CA GLY A 131 -5.55 -3.54 3.86
C GLY A 131 -6.67 -4.59 3.89
N TRP A 132 -7.47 -4.59 2.82
CA TRP A 132 -8.65 -5.42 2.78
C TRP A 132 -8.49 -6.58 1.81
N GLY A 133 -7.25 -6.91 1.36
CA GLY A 133 -6.98 -8.02 0.46
C GLY A 133 -7.15 -9.39 1.15
N LEU A 134 -6.93 -10.42 0.33
CA LEU A 134 -7.22 -11.81 0.62
C LEU A 134 -6.62 -12.13 1.98
N THR A 135 -7.45 -12.80 2.79
CA THR A 135 -7.02 -13.35 4.06
C THR A 135 -6.36 -14.75 4.02
N ARG A 136 -6.45 -15.49 2.89
CA ARG A 136 -5.56 -16.64 2.58
C ARG A 136 -5.11 -16.47 1.13
N THR A 137 -4.09 -17.24 0.71
CA THR A 137 -3.75 -17.34 -0.69
C THR A 137 -4.96 -17.96 -1.43
N ASN A 138 -5.40 -17.34 -2.53
CA ASN A 138 -6.51 -17.90 -3.29
C ASN A 138 -7.78 -17.91 -2.43
N GLY A 139 -7.82 -17.09 -1.40
CA GLY A 139 -8.92 -16.93 -0.47
C GLY A 139 -9.87 -15.88 -1.04
N GLN A 140 -10.37 -15.03 -0.16
CA GLN A 140 -11.26 -13.92 -0.47
C GLN A 140 -10.97 -12.66 0.37
N LEU A 141 -11.48 -11.53 -0.14
CA LEU A 141 -11.29 -10.22 0.53
C LEU A 141 -11.69 -10.23 1.99
N ALA A 142 -10.98 -9.43 2.81
CA ALA A 142 -11.50 -9.16 4.13
C ALA A 142 -12.70 -8.20 3.98
N GLN A 143 -13.71 -8.24 4.84
CA GLN A 143 -14.73 -7.21 4.77
C GLN A 143 -14.28 -6.00 5.55
N THR A 144 -13.63 -6.25 6.71
CA THR A 144 -13.04 -5.16 7.48
C THR A 144 -11.52 -5.09 7.31
N LEU A 145 -11.01 -3.89 7.64
CA LEU A 145 -9.56 -3.57 7.61
C LEU A 145 -8.82 -4.38 8.68
N GLN A 146 -7.87 -5.13 8.13
CA GLN A 146 -6.94 -6.12 8.71
C GLN A 146 -5.56 -5.48 8.88
N GLN A 147 -4.89 -5.78 9.99
CA GLN A 147 -3.51 -5.33 10.18
C GLN A 147 -2.68 -6.51 10.63
N ALA A 148 -1.46 -6.70 10.08
CA ALA A 148 -0.47 -7.71 10.43
C ALA A 148 0.86 -7.03 10.81
N TYR A 149 1.53 -7.54 11.87
CA TYR A 149 2.79 -7.09 12.37
C TYR A 149 3.81 -7.71 11.43
N LEU A 150 4.45 -6.79 10.70
CA LEU A 150 5.29 -7.18 9.64
C LEU A 150 6.67 -6.49 9.73
N PRO A 151 7.63 -7.10 10.46
CA PRO A 151 8.95 -6.54 10.73
C PRO A 151 9.87 -6.67 9.53
N THR A 152 10.62 -5.59 9.28
CA THR A 152 11.34 -5.53 8.05
C THR A 152 12.42 -6.60 8.04
N VAL A 153 12.85 -6.89 6.83
CA VAL A 153 13.98 -7.70 6.51
C VAL A 153 14.90 -6.81 5.66
N ASP A 154 16.10 -6.46 6.15
CA ASP A 154 16.95 -5.58 5.31
C ASP A 154 17.38 -6.16 3.94
N TYR A 155 17.84 -5.24 3.10
CA TYR A 155 18.27 -5.48 1.76
C TYR A 155 19.21 -6.70 1.68
N ALA A 156 20.20 -6.73 2.54
CA ALA A 156 21.26 -7.68 2.46
C ALA A 156 20.66 -9.05 2.67
N ILE A 157 19.71 -9.10 3.60
CA ILE A 157 19.14 -10.42 3.87
C ILE A 157 18.19 -10.78 2.74
N CYS A 158 17.37 -9.79 2.44
CA CYS A 158 16.36 -9.96 1.40
C CYS A 158 16.96 -10.40 0.06
N SER A 159 18.13 -9.89 -0.33
CA SER A 159 18.64 -10.20 -1.65
C SER A 159 19.48 -11.47 -1.60
N SER A 160 19.49 -12.09 -0.44
CA SER A 160 20.26 -13.29 -0.35
C SER A 160 19.48 -14.41 -1.04
N SER A 161 20.23 -15.41 -1.52
CA SER A 161 19.73 -16.41 -2.44
C SER A 161 18.49 -17.12 -1.90
N SER A 162 18.45 -17.27 -0.57
CA SER A 162 17.39 -18.00 0.12
C SER A 162 16.22 -17.10 0.49
N TYR A 163 16.30 -15.82 0.12
CA TYR A 163 15.10 -14.97 0.19
C TYR A 163 14.63 -14.63 -1.23
N TRP A 164 14.64 -13.35 -1.64
CA TRP A 164 14.33 -13.05 -3.03
C TRP A 164 15.48 -13.11 -4.02
N GLY A 165 16.73 -13.27 -3.54
CA GLY A 165 17.86 -12.94 -4.42
C GLY A 165 17.78 -11.61 -5.16
N SER A 166 18.10 -11.74 -6.44
CA SER A 166 18.23 -10.60 -7.31
C SER A 166 16.95 -9.80 -7.62
N THR A 167 15.83 -10.41 -7.31
CA THR A 167 14.56 -9.85 -7.68
C THR A 167 14.23 -8.67 -6.80
N VAL A 168 14.87 -8.59 -5.63
CA VAL A 168 14.70 -7.37 -4.80
C VAL A 168 15.79 -6.32 -5.11
N LYS A 169 15.41 -5.04 -5.25
CA LYS A 169 16.35 -3.96 -5.50
C LYS A 169 16.36 -3.09 -4.21
N ASN A 170 17.35 -2.23 -4.11
CA ASN A 170 17.52 -1.32 -2.97
C ASN A 170 16.55 -0.14 -3.03
N SER A 171 15.74 -0.07 -4.10
CA SER A 171 14.55 0.78 -4.11
C SER A 171 13.30 0.11 -3.49
N MET A 172 13.43 -1.05 -2.87
CA MET A 172 12.25 -1.72 -2.25
C MET A 172 12.47 -1.94 -0.73
N VAL A 173 11.40 -2.29 0.02
CA VAL A 173 11.42 -2.66 1.41
C VAL A 173 10.88 -4.07 1.55
N CYS A 174 11.53 -4.97 2.30
CA CYS A 174 10.92 -6.26 2.44
C CYS A 174 10.39 -6.26 3.86
N ALA A 175 9.27 -6.94 4.12
CA ALA A 175 8.75 -7.08 5.50
C ALA A 175 8.03 -8.41 5.72
N GLY A 176 8.27 -9.05 6.90
CA GLY A 176 7.73 -10.36 7.24
C GLY A 176 8.46 -11.49 6.52
N GLY A 177 7.78 -12.46 5.88
CA GLY A 177 8.56 -13.59 5.42
C GLY A 177 8.41 -14.81 6.35
N ASP A 178 7.57 -14.71 7.36
CA ASP A 178 7.51 -15.76 8.34
C ASP A 178 6.66 -16.95 7.90
N GLY A 179 5.88 -16.82 6.81
CA GLY A 179 5.13 -17.97 6.32
C GLY A 179 3.74 -17.93 6.90
N VAL A 180 3.46 -16.97 7.78
CA VAL A 180 2.14 -16.82 8.43
C VAL A 180 1.43 -15.54 8.02
N ARG A 181 2.15 -14.42 8.06
CA ARG A 181 1.52 -13.15 7.79
C ARG A 181 2.11 -12.56 6.52
N SER A 182 1.27 -11.77 5.83
CA SER A 182 1.76 -11.17 4.56
C SER A 182 0.71 -10.21 4.09
N GLY A 183 1.07 -9.53 3.01
CA GLY A 183 -0.01 -8.97 2.21
C GLY A 183 -0.55 -10.09 1.29
N CYS A 184 -1.57 -9.76 0.53
CA CYS A 184 -2.13 -10.66 -0.51
C CYS A 184 -2.77 -9.81 -1.62
N GLN A 185 -3.22 -10.43 -2.76
CA GLN A 185 -4.03 -9.70 -3.74
C GLN A 185 -5.08 -8.91 -2.96
N GLY A 186 -5.23 -7.67 -3.36
CA GLY A 186 -6.18 -6.77 -2.71
C GLY A 186 -5.51 -5.84 -1.69
N ASP A 187 -4.25 -6.10 -1.40
CA ASP A 187 -3.49 -5.18 -0.52
C ASP A 187 -2.55 -4.18 -1.24
N SER A 188 -2.24 -4.45 -2.50
CA SER A 188 -1.30 -3.60 -3.29
C SER A 188 -1.63 -2.11 -3.14
N GLY A 189 -0.60 -1.28 -3.28
CA GLY A 189 -0.84 0.14 -3.25
C GLY A 189 -0.76 0.63 -1.80
N GLY A 190 -1.17 -0.26 -0.86
CA GLY A 190 -1.36 0.09 0.55
C GLY A 190 -0.05 0.38 1.31
N PRO A 191 -0.25 0.95 2.53
CA PRO A 191 0.81 1.27 3.50
C PRO A 191 1.54 0.07 4.11
N LEU A 192 2.86 0.32 4.32
CA LEU A 192 3.63 -0.33 5.37
C LEU A 192 3.94 0.79 6.37
N HIS A 193 3.27 0.77 7.53
CA HIS A 193 3.47 1.80 8.54
C HIS A 193 4.50 1.28 9.51
N CYS A 194 5.58 2.04 9.74
CA CYS A 194 6.67 1.76 10.71
C CYS A 194 6.84 2.94 11.74
N LEU A 195 7.25 2.59 12.94
CA LEU A 195 7.35 3.57 13.99
C LEU A 195 8.77 4.17 13.98
N VAL A 196 8.92 5.42 13.53
CA VAL A 196 10.13 6.24 13.59
C VAL A 196 9.87 7.44 14.51
N ASN A 197 10.73 7.60 15.55
CA ASN A 197 10.69 8.79 16.43
C ASN A 197 9.29 9.07 16.90
N GLY A 198 8.63 8.01 17.43
CA GLY A 198 7.24 7.89 17.88
C GLY A 198 6.21 8.52 16.96
N GLN A 199 6.46 8.48 15.63
CA GLN A 199 5.33 8.57 14.68
C GLN A 199 5.38 7.29 13.83
N TYR A 200 4.20 6.78 13.50
CA TYR A 200 4.00 5.89 12.33
C TYR A 200 4.27 6.64 11.02
N ALA A 201 5.16 6.12 10.20
CA ALA A 201 5.30 6.77 8.94
C ALA A 201 5.07 5.67 7.88
N VAL A 202 4.64 6.13 6.70
CA VAL A 202 4.42 5.13 5.62
C VAL A 202 5.69 4.91 4.75
N HIS A 203 6.37 3.81 5.01
CA HIS A 203 7.67 3.56 4.40
C HIS A 203 7.50 2.73 3.13
N GLY A 204 6.38 1.96 3.05
CA GLY A 204 6.19 0.91 2.03
C GLY A 204 4.92 1.12 1.21
N VAL A 205 4.91 0.75 -0.08
CA VAL A 205 3.67 0.79 -0.93
C VAL A 205 3.61 -0.63 -1.48
N THR A 206 2.64 -1.41 -0.95
CA THR A 206 2.70 -2.84 -1.27
C THR A 206 2.82 -3.08 -2.79
N SER A 207 3.76 -3.97 -3.14
CA SER A 207 3.99 -4.27 -4.50
C SER A 207 3.74 -5.72 -4.90
N PHE A 208 4.49 -6.66 -4.37
CA PHE A 208 4.34 -8.00 -4.89
C PHE A 208 4.58 -9.02 -3.80
N VAL A 209 4.20 -10.26 -4.09
CA VAL A 209 4.48 -11.43 -3.26
C VAL A 209 4.98 -12.49 -4.23
N SER A 210 5.28 -13.67 -3.68
CA SER A 210 5.64 -14.86 -4.40
C SER A 210 4.52 -15.38 -5.32
N ARG A 211 4.96 -15.93 -6.45
CA ARG A 211 4.05 -16.59 -7.39
C ARG A 211 3.48 -17.81 -6.66
N LEU A 212 4.17 -18.29 -5.63
CA LEU A 212 3.70 -19.51 -5.05
C LEU A 212 2.58 -19.33 -4.07
N GLY A 213 2.27 -18.08 -3.72
CA GLY A 213 1.39 -17.82 -2.60
C GLY A 213 1.92 -16.69 -1.72
N CYS A 214 0.95 -16.16 -1.00
CA CYS A 214 1.08 -14.89 -0.28
C CYS A 214 2.05 -14.96 0.92
N ASN A 215 1.86 -15.90 1.84
CA ASN A 215 2.63 -16.11 3.06
C ASN A 215 3.50 -17.32 2.83
N VAL A 216 4.66 -17.05 2.27
CA VAL A 216 5.70 -18.01 1.96
C VAL A 216 6.97 -17.61 2.71
N THR A 217 7.44 -18.58 3.50
CA THR A 217 8.53 -18.46 4.45
C THR A 217 9.70 -18.08 3.58
N ARG A 218 10.33 -16.97 3.93
CA ARG A 218 11.53 -16.50 3.27
C ARG A 218 11.27 -15.99 1.87
N LYS A 219 10.02 -15.57 1.65
CA LYS A 219 9.61 -14.65 0.58
C LYS A 219 8.73 -13.55 1.19
N PRO A 220 9.28 -12.63 2.02
CA PRO A 220 8.50 -11.53 2.60
C PRO A 220 7.75 -10.71 1.50
N THR A 221 6.75 -9.99 1.97
CA THR A 221 6.05 -9.04 1.12
C THR A 221 7.04 -7.92 0.68
N VAL A 222 6.96 -7.44 -0.56
CA VAL A 222 7.86 -6.43 -1.09
C VAL A 222 7.05 -5.17 -1.47
N PHE A 223 7.54 -4.04 -0.98
CA PHE A 223 6.93 -2.75 -1.01
C PHE A 223 7.90 -1.80 -1.70
N THR A 224 7.38 -0.86 -2.45
CA THR A 224 8.11 0.24 -2.99
C THR A 224 8.58 1.06 -1.77
N ARG A 225 9.90 1.28 -1.69
CA ARG A 225 10.55 2.11 -0.69
C ARG A 225 10.17 3.57 -0.93
N VAL A 226 9.23 4.06 -0.15
CA VAL A 226 8.78 5.45 -0.33
C VAL A 226 9.91 6.51 -0.29
N SER A 227 10.91 6.32 0.60
CA SER A 227 11.96 7.33 0.86
C SER A 227 12.89 7.46 -0.36
N ALA A 228 12.79 6.53 -1.29
CA ALA A 228 13.41 6.58 -2.53
C ALA A 228 12.66 7.50 -3.48
N TYR A 229 11.52 8.11 -3.14
CA TYR A 229 10.76 8.82 -4.22
C TYR A 229 10.35 10.23 -3.95
N ILE A 230 10.78 10.64 -2.78
CA ILE A 230 10.20 11.79 -2.13
C ILE A 230 10.23 12.94 -3.09
N SER A 231 11.38 13.09 -3.78
CA SER A 231 11.59 14.24 -4.63
C SER A 231 10.68 14.12 -5.85
N TRP A 232 10.48 12.90 -6.33
CA TRP A 232 9.49 12.66 -7.41
C TRP A 232 8.03 13.01 -6.98
N ILE A 233 7.66 12.47 -5.81
CA ILE A 233 6.36 12.84 -5.21
C ILE A 233 6.11 14.33 -5.04
N ASN A 234 7.11 15.03 -4.50
CA ASN A 234 6.93 16.45 -4.33
C ASN A 234 6.87 17.15 -5.66
N ASN A 235 7.66 16.73 -6.67
CA ASN A 235 7.67 17.38 -8.03
C ASN A 235 6.35 17.22 -8.75
N VAL A 236 5.74 16.01 -8.62
CA VAL A 236 4.38 15.77 -9.20
C VAL A 236 3.43 16.77 -8.58
N ILE A 237 3.40 16.79 -7.26
CA ILE A 237 2.27 17.48 -6.73
C ILE A 237 2.51 18.97 -7.01
N ALA A 238 3.75 19.45 -6.81
CA ALA A 238 4.04 20.85 -7.09
C ALA A 238 3.71 21.18 -8.54
N SER A 239 3.73 20.15 -9.38
CA SER A 239 3.55 20.53 -10.75
C SER A 239 2.14 20.24 -11.27
N ASN A 240 1.28 19.67 -10.44
CA ASN A 240 -0.06 19.40 -10.95
C ASN A 240 -1.08 19.92 -9.97
#